data_4ZLO
#
_entry.id   4ZLO
#
_cell.length_a   63.514
_cell.length_b   79.340
_cell.length_c   65.789
_cell.angle_alpha   90.00
_cell.angle_beta   108.11
_cell.angle_gamma   90.00
#
_symmetry.space_group_name_H-M   'P 1 21 1'
#
loop_
_entity.id
_entity.type
_entity.pdbx_description
1 polymer 'Serine/threonine-protein kinase PAK 1'
2 non-polymer 2,8-difluoro-11-(4-methylpiperazin-1-yl)-5H-dibenzo[b,e][1,4]diazepine
3 non-polymer GLYCEROL
4 water water
#
_entity_poly.entity_id   1
_entity_poly.type   'polypeptide(L)'
_entity_poly.pdbx_seq_one_letter_code
;SDEEILEKLRSIVSVGDPKKKYTRFEKIGQGASGTVYTAMDVATGQEVAIKQMNLQQQPKKELIINEILVMRENKNPNIV
NYLDSYLVGDELWVVMEYLAGGSLTDVVTETCMDEGQIAAVCRECLQALEFLHSNQVIHRDIKSDNILLGMDGSVKLTDF
GFCAQITPEQSKRS(TPO)MVGTPYWMAPEVVTRKAYGPKVDIWSLGIMAIEMIEGEPPYLNENPLRALYLIATNGTPEL
QNPEKLSAIFRDFLNRCLEMDVEKRGSAKELLQHQFLKIAKPLSSLTPLIAAAKEATKNNH
;
_entity_poly.pdbx_strand_id   A,B
#
# COMPACT_ATOMS: atom_id res chain seq x y z
N ASP A 2 -9.00 0.90 50.66
CA ASP A 2 -7.57 1.20 50.71
C ASP A 2 -6.75 0.00 51.20
N GLU A 3 -7.15 -0.61 52.34
CA GLU A 3 -6.48 -1.78 52.93
C GLU A 3 -7.00 -3.10 52.35
N GLU A 4 -8.33 -3.22 52.14
CA GLU A 4 -8.97 -4.42 51.57
C GLU A 4 -8.55 -4.65 50.11
N ILE A 5 -8.36 -3.56 49.33
CA ILE A 5 -7.91 -3.59 47.94
C ILE A 5 -6.44 -4.07 47.86
N LEU A 6 -5.61 -3.67 48.85
CA LEU A 6 -4.20 -4.05 48.94
C LEU A 6 -4.02 -5.54 49.21
N GLU A 7 -4.80 -6.10 50.15
CA GLU A 7 -4.77 -7.53 50.52
C GLU A 7 -5.29 -8.44 49.41
N LYS A 8 -6.35 -7.98 48.67
CA LYS A 8 -6.95 -8.70 47.55
C LYS A 8 -6.00 -8.79 46.37
N LEU A 9 -5.17 -7.75 46.16
CA LEU A 9 -4.17 -7.67 45.09
C LEU A 9 -3.04 -8.66 45.28
N ARG A 10 -2.63 -8.91 46.55
CA ARG A 10 -1.50 -9.77 46.93
C ARG A 10 -1.77 -11.22 46.54
N SER A 11 -3.03 -11.65 46.61
CA SER A 11 -3.46 -13.00 46.28
C SER A 11 -3.54 -13.24 44.77
N ILE A 12 -3.65 -12.15 43.97
CA ILE A 12 -3.82 -12.26 42.51
C ILE A 12 -2.50 -11.96 41.75
N VAL A 13 -1.68 -11.01 42.23
CA VAL A 13 -0.41 -10.67 41.54
C VAL A 13 0.61 -11.82 41.64
N SER A 14 1.48 -11.94 40.63
CA SER A 14 2.52 -12.97 40.59
C SER A 14 3.76 -12.50 41.34
N VAL A 15 4.42 -13.43 42.06
CA VAL A 15 5.65 -13.15 42.80
C VAL A 15 6.84 -13.07 41.80
N GLY A 16 7.92 -12.43 42.21
CA GLY A 16 9.08 -12.24 41.35
C GLY A 16 9.30 -10.78 41.00
N ASP A 17 10.53 -10.43 40.61
CA ASP A 17 10.92 -9.07 40.28
C ASP A 17 10.71 -8.79 38.78
N PRO A 18 9.72 -7.92 38.43
CA PRO A 18 9.47 -7.61 37.01
C PRO A 18 10.62 -6.93 36.28
N LYS A 19 11.47 -6.21 37.03
CA LYS A 19 12.66 -5.51 36.52
C LYS A 19 13.73 -6.48 36.01
N LYS A 20 13.72 -7.74 36.54
CA LYS A 20 14.61 -8.86 36.18
C LYS A 20 13.99 -9.71 35.08
N LYS A 21 12.64 -9.69 34.95
CA LYS A 21 11.85 -10.50 34.02
C LYS A 21 11.68 -9.87 32.63
N TYR A 22 11.74 -8.52 32.55
CA TYR A 22 11.53 -7.76 31.32
C TYR A 22 12.64 -6.76 31.08
N THR A 23 12.92 -6.48 29.80
CA THR A 23 13.94 -5.51 29.40
C THR A 23 13.44 -4.58 28.28
N ARG A 24 14.26 -3.57 27.93
CA ARG A 24 14.05 -2.59 26.84
C ARG A 24 12.77 -1.78 26.99
N PHE A 25 12.55 -1.20 28.18
CA PHE A 25 11.38 -0.39 28.49
C PHE A 25 11.40 0.90 27.65
N GLU A 26 10.27 1.22 26.98
CA GLU A 26 10.10 2.39 26.12
C GLU A 26 8.68 2.92 26.28
N LYS A 27 8.54 4.15 26.83
CA LYS A 27 7.25 4.82 27.07
C LYS A 27 6.42 4.95 25.77
N ILE A 28 5.12 4.60 25.82
CA ILE A 28 4.23 4.71 24.67
C ILE A 28 2.96 5.53 25.01
N GLY A 29 2.82 5.95 26.26
CA GLY A 29 1.68 6.73 26.71
C GLY A 29 1.55 6.93 28.21
N GLN A 30 0.85 8.01 28.60
CA GLN A 30 0.59 8.41 29.98
C GLN A 30 -0.90 8.63 30.22
N SER A 33 -5.83 4.66 34.62
CA SER A 33 -4.76 5.64 34.45
C SER A 33 -3.37 5.04 34.74
N GLY A 34 -2.32 5.82 34.48
CA GLY A 34 -0.93 5.41 34.68
C GLY A 34 -0.06 5.63 33.45
N THR A 35 1.03 4.84 33.32
CA THR A 35 1.98 4.93 32.20
C THR A 35 2.16 3.57 31.52
N VAL A 36 2.14 3.53 30.17
CA VAL A 36 2.32 2.30 29.39
C VAL A 36 3.72 2.27 28.75
N TYR A 37 4.45 1.18 28.98
CA TYR A 37 5.77 0.96 28.41
C TYR A 37 5.73 -0.28 27.51
N THR A 38 6.55 -0.28 26.49
CA THR A 38 6.76 -1.46 25.66
C THR A 38 7.99 -2.11 26.30
N ALA A 39 8.04 -3.45 26.31
CA ALA A 39 9.18 -4.20 26.87
C ALA A 39 9.26 -5.59 26.27
N MET A 40 10.34 -6.32 26.54
CA MET A 40 10.54 -7.68 26.05
C MET A 40 10.79 -8.63 27.22
N ASP A 41 10.18 -9.83 27.15
CA ASP A 41 10.39 -10.87 28.14
C ASP A 41 11.81 -11.41 27.90
N VAL A 42 12.70 -11.28 28.90
CA VAL A 42 14.11 -11.69 28.81
C VAL A 42 14.26 -13.20 28.54
N ALA A 43 13.32 -14.02 29.04
CA ALA A 43 13.39 -15.49 28.91
C ALA A 43 12.83 -16.08 27.60
N THR A 44 11.79 -15.47 27.04
CA THR A 44 11.07 -15.99 25.86
C THR A 44 11.14 -15.11 24.61
N GLY A 45 11.56 -13.85 24.76
CA GLY A 45 11.61 -12.90 23.65
C GLY A 45 10.28 -12.27 23.29
N GLN A 46 9.21 -12.59 24.03
CA GLN A 46 7.90 -12.03 23.74
C GLN A 46 7.89 -10.51 23.92
N GLU A 47 7.22 -9.79 23.00
CA GLU A 47 7.03 -8.34 23.10
C GLU A 47 5.77 -8.07 23.92
N VAL A 48 5.92 -7.26 24.99
CA VAL A 48 4.84 -6.95 25.93
C VAL A 48 4.58 -5.44 26.11
N ALA A 49 3.40 -5.11 26.63
CA ALA A 49 2.99 -3.75 27.01
C ALA A 49 2.79 -3.80 28.52
N ILE A 50 3.42 -2.86 29.24
CA ILE A 50 3.32 -2.81 30.70
C ILE A 50 2.71 -1.49 31.18
N LYS A 51 1.49 -1.57 31.72
CA LYS A 51 0.79 -0.42 32.31
C LYS A 51 1.21 -0.33 33.79
N GLN A 52 1.89 0.77 34.17
CA GLN A 52 2.36 1.04 35.54
C GLN A 52 1.48 2.12 36.17
N MET A 53 0.95 1.88 37.38
CA MET A 53 0.05 2.84 38.06
C MET A 53 0.15 2.86 39.56
N ASN A 54 0.02 4.05 40.16
CA ASN A 54 0.03 4.26 41.61
C ASN A 54 -1.31 3.85 42.21
N LYS A 60 -13.09 3.48 42.61
CA LYS A 60 -12.07 3.45 41.58
C LYS A 60 -11.03 2.36 41.83
N LYS A 61 -10.60 2.20 43.10
CA LYS A 61 -9.62 1.20 43.54
C LYS A 61 -10.23 -0.21 43.59
N GLU A 62 -11.55 -0.33 43.77
CA GLU A 62 -12.27 -1.61 43.80
C GLU A 62 -12.51 -2.08 42.35
N LEU A 63 -12.72 -1.11 41.44
CA LEU A 63 -12.95 -1.30 40.00
C LEU A 63 -11.74 -1.95 39.33
N ILE A 64 -10.51 -1.63 39.77
CA ILE A 64 -9.29 -2.18 39.20
C ILE A 64 -9.09 -3.66 39.56
N ILE A 65 -9.54 -4.09 40.78
CA ILE A 65 -9.45 -5.49 41.23
C ILE A 65 -10.26 -6.40 40.30
N ASN A 66 -11.49 -5.95 39.96
CA ASN A 66 -12.42 -6.64 39.10
C ASN A 66 -11.97 -6.62 37.64
N GLU A 67 -11.39 -5.50 37.18
CA GLU A 67 -10.88 -5.37 35.81
C GLU A 67 -9.71 -6.34 35.54
N ILE A 68 -8.83 -6.56 36.54
CA ILE A 68 -7.72 -7.51 36.44
C ILE A 68 -8.29 -8.92 36.33
N LEU A 69 -9.20 -9.30 37.26
CA LEU A 69 -9.85 -10.61 37.32
C LEU A 69 -10.64 -10.96 36.06
N VAL A 70 -11.27 -9.94 35.42
CA VAL A 70 -12.00 -10.09 34.15
C VAL A 70 -10.99 -10.42 33.05
N MET A 71 -9.96 -9.58 32.89
CA MET A 71 -8.84 -9.73 31.94
C MET A 71 -8.13 -11.07 32.08
N ARG A 72 -7.87 -11.50 33.32
CA ARG A 72 -7.14 -12.72 33.64
C ARG A 72 -7.91 -13.98 33.27
N GLU A 73 -9.24 -13.98 33.48
CA GLU A 73 -10.08 -15.14 33.18
C GLU A 73 -10.67 -15.15 31.77
N ASN A 74 -10.67 -13.99 31.09
CA ASN A 74 -11.25 -13.90 29.76
C ASN A 74 -10.20 -13.57 28.71
N LYS A 75 -9.92 -14.55 27.82
CA LYS A 75 -8.89 -14.42 26.79
C LYS A 75 -9.44 -14.46 25.36
N ASN A 76 -8.84 -13.62 24.48
CA ASN A 76 -9.26 -13.62 23.09
C ASN A 76 -8.09 -13.33 22.16
N PRO A 77 -7.96 -14.07 21.04
CA PRO A 77 -6.83 -13.78 20.11
C PRO A 77 -6.83 -12.37 19.46
N ASN A 78 -7.98 -11.70 19.42
CA ASN A 78 -8.13 -10.38 18.77
C ASN A 78 -8.06 -9.20 19.72
N ILE A 79 -7.60 -9.43 20.94
CA ILE A 79 -7.35 -8.37 21.92
C ILE A 79 -5.98 -8.65 22.51
N VAL A 80 -5.32 -7.59 23.01
CA VAL A 80 -4.05 -7.78 23.72
C VAL A 80 -4.50 -8.33 25.08
N ASN A 81 -4.06 -9.55 25.40
CA ASN A 81 -4.47 -10.22 26.62
C ASN A 81 -3.54 -9.91 27.75
N TYR A 82 -4.07 -10.09 28.98
CA TYR A 82 -3.38 -10.00 30.26
C TYR A 82 -2.42 -11.21 30.34
N LEU A 83 -1.16 -10.94 30.69
CA LEU A 83 -0.10 -11.94 30.84
C LEU A 83 0.31 -12.16 32.29
N ASP A 84 0.45 -11.06 33.07
CA ASP A 84 0.93 -11.06 34.44
C ASP A 84 0.67 -9.73 35.13
N SER A 85 0.84 -9.69 36.46
CA SER A 85 0.70 -8.51 37.31
C SER A 85 1.70 -8.58 38.45
N TYR A 86 2.24 -7.42 38.85
CA TYR A 86 3.24 -7.33 39.92
C TYR A 86 2.99 -6.09 40.76
N LEU A 87 3.35 -6.17 42.06
CA LEU A 87 3.31 -5.04 43.00
C LEU A 87 4.72 -4.55 43.12
N VAL A 88 5.05 -3.44 42.45
CA VAL A 88 6.38 -2.82 42.45
C VAL A 88 6.31 -1.50 43.25
N GLY A 89 6.80 -1.54 44.48
CA GLY A 89 6.72 -0.41 45.41
C GLY A 89 5.28 -0.12 45.77
N ASP A 90 4.83 1.11 45.45
CA ASP A 90 3.45 1.55 45.68
C ASP A 90 2.74 1.60 44.32
N GLU A 91 3.32 0.89 43.33
CA GLU A 91 2.79 0.81 41.97
C GLU A 91 2.37 -0.60 41.63
N LEU A 92 1.27 -0.72 40.88
CA LEU A 92 0.79 -1.98 40.35
C LEU A 92 1.15 -2.02 38.85
N TRP A 93 1.86 -3.10 38.41
CA TRP A 93 2.23 -3.33 36.99
C TRP A 93 1.39 -4.46 36.40
N VAL A 94 0.72 -4.18 35.29
CA VAL A 94 -0.09 -5.13 34.53
C VAL A 94 0.63 -5.34 33.20
N VAL A 95 1.00 -6.59 32.92
CA VAL A 95 1.72 -7.02 31.72
C VAL A 95 0.72 -7.58 30.72
N MET A 96 0.69 -7.01 29.54
CA MET A 96 -0.19 -7.46 28.46
C MET A 96 0.57 -7.77 27.22
N GLU A 97 -0.07 -8.47 26.29
CA GLU A 97 0.50 -8.80 24.99
C GLU A 97 0.73 -7.51 24.19
N TYR A 98 1.64 -7.57 23.22
CA TYR A 98 1.94 -6.49 22.29
C TYR A 98 2.40 -7.11 20.98
N LEU A 99 2.40 -6.31 19.90
CA LEU A 99 2.78 -6.73 18.56
C LEU A 99 3.77 -5.74 17.95
N ALA A 100 4.67 -6.23 17.07
CA ALA A 100 5.76 -5.48 16.44
C ALA A 100 5.43 -4.78 15.11
N GLY A 101 4.26 -5.02 14.53
CA GLY A 101 3.89 -4.45 13.23
C GLY A 101 3.26 -3.06 13.20
N GLY A 102 3.32 -2.34 14.32
CA GLY A 102 2.72 -1.00 14.45
C GLY A 102 1.21 -0.98 14.52
N SER A 103 0.64 0.23 14.39
CA SER A 103 -0.80 0.44 14.41
C SER A 103 -1.38 0.51 13.00
N LEU A 104 -2.72 0.41 12.89
CA LEU A 104 -3.45 0.52 11.64
C LEU A 104 -3.32 1.95 11.03
N THR A 105 -3.15 2.99 11.88
CA THR A 105 -2.98 4.40 11.49
C THR A 105 -1.83 4.57 10.52
N ASP A 106 -0.67 3.94 10.82
CA ASP A 106 0.54 3.98 9.99
C ASP A 106 0.26 3.36 8.63
N VAL A 107 -0.52 2.27 8.60
CA VAL A 107 -0.90 1.61 7.37
C VAL A 107 -1.87 2.47 6.56
N VAL A 108 -2.93 3.04 7.19
CA VAL A 108 -3.96 3.82 6.47
C VAL A 108 -3.42 5.16 5.94
N THR A 109 -2.43 5.76 6.62
CA THR A 109 -1.87 7.04 6.19
C THR A 109 -0.69 6.89 5.21
N GLU A 110 -0.10 5.68 5.08
CA GLU A 110 1.05 5.44 4.21
C GLU A 110 0.82 4.47 3.05
N THR A 111 -0.35 3.79 2.99
CA THR A 111 -0.64 2.81 1.92
C THR A 111 -2.06 2.96 1.43
N CYS A 112 -2.40 2.32 0.28
CA CYS A 112 -3.75 2.24 -0.29
C CYS A 112 -4.17 0.80 -0.07
N MET A 113 -5.10 0.57 0.86
CA MET A 113 -5.60 -0.76 1.19
C MET A 113 -6.67 -1.14 0.19
N ASP A 114 -6.72 -2.43 -0.19
CA ASP A 114 -7.78 -2.90 -1.05
C ASP A 114 -8.90 -3.48 -0.19
N GLU A 115 -10.09 -3.70 -0.77
CA GLU A 115 -11.28 -4.17 -0.06
C GLU A 115 -11.08 -5.51 0.63
N GLY A 116 -10.29 -6.39 0.03
CA GLY A 116 -9.93 -7.69 0.59
C GLY A 116 -9.14 -7.56 1.87
N GLN A 117 -8.30 -6.51 1.97
CA GLN A 117 -7.48 -6.20 3.14
C GLN A 117 -8.35 -5.52 4.22
N ILE A 118 -9.23 -4.58 3.81
CA ILE A 118 -10.16 -3.89 4.69
C ILE A 118 -11.10 -4.90 5.35
N ALA A 119 -11.69 -5.82 4.54
CA ALA A 119 -12.58 -6.89 5.00
C ALA A 119 -11.88 -7.77 6.05
N ALA A 120 -10.62 -8.13 5.82
CA ALA A 120 -9.81 -8.92 6.75
C ALA A 120 -9.65 -8.20 8.11
N VAL A 121 -9.39 -6.88 8.11
CA VAL A 121 -9.27 -6.06 9.33
C VAL A 121 -10.64 -5.96 10.04
N CYS A 122 -11.74 -5.67 9.28
CA CYS A 122 -13.10 -5.60 9.83
C CYS A 122 -13.55 -6.90 10.47
N ARG A 123 -13.24 -8.06 9.85
CA ARG A 123 -13.59 -9.36 10.41
C ARG A 123 -12.91 -9.56 11.76
N GLU A 124 -11.60 -9.25 11.87
CA GLU A 124 -10.82 -9.38 13.10
C GLU A 124 -11.33 -8.49 14.22
N CYS A 125 -11.63 -7.24 13.92
CA CYS A 125 -12.18 -6.27 14.87
C CYS A 125 -13.54 -6.67 15.35
N LEU A 126 -14.40 -7.22 14.47
CA LEU A 126 -15.75 -7.65 14.83
C LEU A 126 -15.71 -8.85 15.77
N GLN A 127 -14.68 -9.72 15.61
CA GLN A 127 -14.47 -10.90 16.45
C GLN A 127 -14.07 -10.43 17.86
N ALA A 128 -13.27 -9.34 17.94
CA ALA A 128 -12.85 -8.72 19.21
C ALA A 128 -14.06 -8.05 19.88
N LEU A 129 -14.91 -7.35 19.10
CA LEU A 129 -16.12 -6.69 19.58
C LEU A 129 -17.18 -7.67 20.07
N GLU A 130 -17.39 -8.78 19.38
CA GLU A 130 -18.32 -9.85 19.78
C GLU A 130 -17.92 -10.34 21.17
N PHE A 131 -16.64 -10.65 21.35
CA PHE A 131 -16.04 -11.10 22.61
C PHE A 131 -16.24 -10.10 23.77
N LEU A 132 -15.90 -8.81 23.57
CA LEU A 132 -16.02 -7.75 24.56
C LEU A 132 -17.45 -7.48 24.98
N HIS A 133 -18.36 -7.45 24.01
CA HIS A 133 -19.78 -7.22 24.22
C HIS A 133 -20.43 -8.34 25.01
N SER A 134 -20.00 -9.60 24.78
CA SER A 134 -20.52 -10.78 25.51
C SER A 134 -20.02 -10.74 26.96
N ASN A 135 -18.93 -10.00 27.21
CA ASN A 135 -18.35 -9.76 28.53
C ASN A 135 -18.83 -8.42 29.11
N GLN A 136 -19.89 -7.85 28.52
CA GLN A 136 -20.53 -6.59 28.90
C GLN A 136 -19.54 -5.42 29.00
N VAL A 137 -18.62 -5.34 28.02
CA VAL A 137 -17.63 -4.27 27.89
C VAL A 137 -17.91 -3.50 26.60
N ILE A 138 -17.99 -2.16 26.71
CA ILE A 138 -18.14 -1.23 25.60
C ILE A 138 -16.80 -0.54 25.52
N HIS A 139 -16.09 -0.71 24.39
CA HIS A 139 -14.77 -0.14 24.19
C HIS A 139 -14.78 1.38 24.24
N ARG A 140 -15.66 2.04 23.43
CA ARG A 140 -15.85 3.50 23.35
C ARG A 140 -14.78 4.25 22.50
N ASP A 141 -13.63 3.60 22.20
CA ASP A 141 -12.57 4.23 21.41
C ASP A 141 -12.10 3.35 20.28
N ILE A 142 -13.03 2.82 19.51
CA ILE A 142 -12.62 2.03 18.36
C ILE A 142 -12.14 3.03 17.30
N LYS A 143 -10.83 2.99 17.04
CA LYS A 143 -10.18 3.85 16.06
C LYS A 143 -8.88 3.19 15.63
N SER A 144 -8.41 3.49 14.40
CA SER A 144 -7.19 2.89 13.81
C SER A 144 -5.95 2.91 14.76
N ASP A 145 -5.85 3.94 15.61
CA ASP A 145 -4.77 4.13 16.60
C ASP A 145 -4.75 3.02 17.66
N ASN A 146 -5.91 2.35 17.89
CA ASN A 146 -6.10 1.29 18.86
C ASN A 146 -6.10 -0.10 18.24
N ILE A 147 -5.65 -0.21 16.97
CA ILE A 147 -5.56 -1.49 16.29
C ILE A 147 -4.10 -1.76 16.07
N LEU A 148 -3.63 -2.83 16.67
CA LEU A 148 -2.26 -3.26 16.64
C LEU A 148 -2.10 -4.40 15.67
N LEU A 149 -1.00 -4.35 14.92
CA LEU A 149 -0.74 -5.38 13.91
C LEU A 149 0.50 -6.20 14.26
N GLY A 150 0.43 -7.50 14.00
CA GLY A 150 1.52 -8.44 14.19
C GLY A 150 2.24 -8.68 12.89
N MET A 151 3.53 -9.04 12.97
CA MET A 151 4.38 -9.29 11.80
C MET A 151 3.87 -10.46 10.91
N ASP A 152 3.00 -11.32 11.46
CA ASP A 152 2.38 -12.44 10.74
C ASP A 152 1.00 -12.01 10.15
N GLY A 153 0.67 -10.73 10.28
CA GLY A 153 -0.60 -10.18 9.83
C GLY A 153 -1.70 -10.16 10.89
N SER A 154 -1.44 -10.70 12.10
CA SER A 154 -2.42 -10.72 13.20
C SER A 154 -2.93 -9.30 13.59
N VAL A 155 -4.23 -9.20 13.92
CA VAL A 155 -4.90 -7.93 14.24
C VAL A 155 -5.39 -7.99 15.69
N LYS A 156 -4.94 -7.06 16.55
CA LYS A 156 -5.35 -7.00 17.97
C LYS A 156 -5.86 -5.63 18.38
N LEU A 157 -6.98 -5.62 19.07
CA LEU A 157 -7.59 -4.42 19.61
C LEU A 157 -6.95 -4.10 20.98
N THR A 158 -6.61 -2.83 21.23
CA THR A 158 -6.03 -2.33 22.50
C THR A 158 -6.91 -1.19 23.03
N ASP A 159 -6.52 -0.59 24.18
CA ASP A 159 -7.23 0.55 24.76
C ASP A 159 -6.19 1.43 25.46
N PHE A 160 -5.83 1.09 26.72
CA PHE A 160 -4.80 1.73 27.58
C PHE A 160 -5.20 3.10 28.20
N GLY A 161 -6.08 3.84 27.52
CA GLY A 161 -6.54 5.16 27.95
C GLY A 161 -6.34 6.23 26.87
N SER A 171 -17.52 16.31 30.04
CA SER A 171 -18.03 17.45 30.82
C SER A 171 -18.43 18.57 29.85
N LYS A 172 -19.65 19.08 30.03
CA LYS A 172 -20.24 20.08 29.15
C LYS A 172 -19.65 21.50 29.26
N ARG A 173 -19.01 21.84 30.41
CA ARG A 173 -18.38 23.15 30.68
C ARG A 173 -16.96 23.24 30.13
N SER A 174 -16.26 22.10 30.02
CA SER A 174 -14.85 22.05 29.63
C SER A 174 -14.62 21.88 28.15
N MET A 176 -12.73 20.14 24.78
CA MET A 176 -12.25 18.85 24.28
C MET A 176 -11.11 19.07 23.31
N VAL A 177 -10.03 18.29 23.49
CA VAL A 177 -8.85 18.30 22.63
C VAL A 177 -9.09 17.29 21.53
N GLY A 178 -9.23 17.81 20.32
CA GLY A 178 -9.45 17.00 19.12
C GLY A 178 -10.89 16.76 18.75
N THR A 179 -11.10 16.42 17.47
CA THR A 179 -12.43 16.10 16.94
C THR A 179 -12.77 14.65 17.35
N PRO A 180 -13.91 14.41 18.06
CA PRO A 180 -14.27 13.02 18.42
C PRO A 180 -15.02 12.32 17.27
N TYR A 181 -14.34 12.26 16.11
CA TYR A 181 -14.81 11.76 14.81
C TYR A 181 -15.41 10.35 14.82
N TRP A 182 -14.93 9.47 15.72
CA TRP A 182 -15.33 8.07 15.80
C TRP A 182 -16.62 7.85 16.59
N MET A 183 -17.04 8.89 17.36
CA MET A 183 -18.20 8.86 18.26
C MET A 183 -19.54 8.79 17.57
N ALA A 184 -20.38 7.89 18.06
CA ALA A 184 -21.73 7.63 17.58
C ALA A 184 -22.65 8.80 17.93
N PRO A 185 -23.68 9.08 17.11
CA PRO A 185 -24.59 10.20 17.42
C PRO A 185 -25.25 10.17 18.80
N GLU A 186 -25.50 8.97 19.35
CA GLU A 186 -26.09 8.80 20.69
C GLU A 186 -25.12 9.18 21.80
N VAL A 187 -23.80 9.08 21.52
CA VAL A 187 -22.73 9.46 22.45
C VAL A 187 -22.69 11.01 22.49
N VAL A 188 -22.62 11.64 21.30
CA VAL A 188 -22.57 13.09 21.01
C VAL A 188 -23.74 13.85 21.64
N THR A 189 -24.95 13.30 21.49
CA THR A 189 -26.19 13.88 22.02
C THR A 189 -26.41 13.54 23.51
N ARG A 190 -25.41 12.86 24.14
CA ARG A 190 -25.36 12.43 25.55
C ARG A 190 -26.58 11.58 25.98
N LYS A 191 -27.02 10.65 25.12
CA LYS A 191 -28.13 9.75 25.39
C LYS A 191 -27.54 8.50 26.07
N ALA A 192 -28.41 7.64 26.65
CA ALA A 192 -27.96 6.36 27.21
C ALA A 192 -27.53 5.54 25.98
N TYR A 193 -26.43 4.78 26.10
CA TYR A 193 -25.96 4.04 24.94
C TYR A 193 -25.42 2.66 25.27
N GLY A 194 -25.44 1.79 24.27
CA GLY A 194 -24.98 0.42 24.44
C GLY A 194 -23.79 0.06 23.59
N PRO A 195 -23.53 -1.25 23.45
CA PRO A 195 -22.34 -1.70 22.70
C PRO A 195 -22.31 -1.35 21.20
N LYS A 196 -23.46 -1.03 20.58
CA LYS A 196 -23.51 -0.68 19.16
C LYS A 196 -22.82 0.66 18.83
N VAL A 197 -22.33 1.40 19.86
CA VAL A 197 -21.54 2.61 19.65
C VAL A 197 -20.19 2.21 19.03
N ASP A 198 -19.68 1.02 19.41
CA ASP A 198 -18.44 0.47 18.92
C ASP A 198 -18.59 0.05 17.46
N ILE A 199 -19.81 -0.36 17.04
CA ILE A 199 -20.12 -0.73 15.66
C ILE A 199 -20.03 0.50 14.74
N TRP A 200 -20.57 1.62 15.20
CA TRP A 200 -20.51 2.91 14.51
C TRP A 200 -19.04 3.29 14.30
N SER A 201 -18.23 3.21 15.37
CA SER A 201 -16.82 3.58 15.39
C SER A 201 -16.02 2.74 14.41
N LEU A 202 -16.39 1.47 14.26
CA LEU A 202 -15.80 0.53 13.32
C LEU A 202 -16.11 1.00 11.88
N GLY A 203 -17.33 1.51 11.66
CA GLY A 203 -17.78 2.05 10.38
C GLY A 203 -16.95 3.26 9.96
N ILE A 204 -16.63 4.12 10.92
CA ILE A 204 -15.78 5.31 10.72
C ILE A 204 -14.36 4.82 10.42
N MET A 205 -13.91 3.76 11.10
CA MET A 205 -12.58 3.20 10.90
C MET A 205 -12.40 2.63 9.50
N ALA A 206 -13.47 2.00 8.97
CA ALA A 206 -13.48 1.47 7.60
C ALA A 206 -13.40 2.63 6.58
N ILE A 207 -14.05 3.79 6.86
CA ILE A 207 -13.97 5.00 6.02
C ILE A 207 -12.50 5.49 6.00
N GLU A 208 -11.86 5.49 7.18
CA GLU A 208 -10.47 5.87 7.31
C GLU A 208 -9.61 4.95 6.45
N MET A 209 -9.90 3.64 6.41
CA MET A 209 -9.18 2.62 5.63
C MET A 209 -9.30 2.81 4.10
N ILE A 210 -10.36 3.43 3.62
CA ILE A 210 -10.51 3.55 2.17
C ILE A 210 -10.18 5.00 1.68
N GLU A 211 -10.35 6.03 2.54
CA GLU A 211 -10.05 7.42 2.23
C GLU A 211 -8.67 7.87 2.74
N GLY A 212 -8.07 7.11 3.67
CA GLY A 212 -6.76 7.40 4.29
C GLY A 212 -6.84 8.36 5.46
N GLU A 213 -8.05 8.82 5.79
CA GLU A 213 -8.28 9.77 6.87
C GLU A 213 -9.66 9.56 7.47
N PRO A 214 -9.82 9.88 8.75
CA PRO A 214 -11.16 9.79 9.34
C PRO A 214 -12.00 10.99 8.89
N PRO A 215 -13.35 10.95 8.87
CA PRO A 215 -14.09 12.18 8.51
C PRO A 215 -13.85 13.32 9.52
N TYR A 216 -14.30 14.55 9.18
CA TYR A 216 -14.27 15.77 10.01
C TYR A 216 -12.86 16.25 10.40
N LEU A 217 -11.86 15.92 9.57
CA LEU A 217 -10.45 16.28 9.79
C LEU A 217 -10.20 17.79 9.70
N ASN A 218 -10.67 18.43 8.60
CA ASN A 218 -10.55 19.87 8.37
C ASN A 218 -11.61 20.68 9.18
N GLU A 219 -12.58 19.96 9.79
CA GLU A 219 -13.67 20.54 10.60
C GLU A 219 -13.25 20.79 12.04
N ASN A 220 -13.80 21.85 12.64
CA ASN A 220 -13.60 22.25 14.03
C ASN A 220 -14.32 21.22 14.92
N PRO A 221 -13.74 20.77 16.08
CA PRO A 221 -14.39 19.74 16.90
C PRO A 221 -15.88 19.96 17.24
N LEU A 222 -16.27 21.23 17.46
CA LEU A 222 -17.65 21.57 17.78
C LEU A 222 -18.54 21.48 16.55
N ARG A 223 -18.02 21.86 15.36
CA ARG A 223 -18.75 21.75 14.09
C ARG A 223 -18.88 20.24 13.75
N ALA A 224 -17.84 19.42 14.09
CA ALA A 224 -17.85 17.96 13.93
C ALA A 224 -18.98 17.35 14.77
N LEU A 225 -19.07 17.71 16.07
CA LEU A 225 -20.10 17.26 17.01
C LEU A 225 -21.48 17.53 16.46
N TYR A 226 -21.72 18.76 15.94
CA TYR A 226 -22.99 19.16 15.34
C TYR A 226 -23.34 18.26 14.16
N LEU A 227 -22.36 18.05 13.23
CA LEU A 227 -22.50 17.23 12.03
C LEU A 227 -22.81 15.77 12.33
N ILE A 228 -22.10 15.16 13.32
CA ILE A 228 -22.34 13.78 13.73
C ILE A 228 -23.79 13.67 14.24
N ALA A 229 -24.20 14.60 15.13
CA ALA A 229 -25.51 14.63 15.75
C ALA A 229 -26.68 14.81 14.79
N THR A 230 -26.47 15.56 13.68
CA THR A 230 -27.54 15.87 12.72
C THR A 230 -27.61 14.90 11.54
N ASN A 231 -26.51 14.80 10.76
CA ASN A 231 -26.44 14.00 9.55
C ASN A 231 -25.95 12.57 9.79
N GLY A 232 -25.35 12.33 10.96
CA GLY A 232 -24.80 11.03 11.31
C GLY A 232 -23.37 10.90 10.81
N THR A 233 -23.24 10.43 9.58
CA THR A 233 -21.96 10.23 8.89
C THR A 233 -21.87 11.17 7.68
N PRO A 234 -20.68 11.68 7.29
CA PRO A 234 -20.66 12.58 6.13
C PRO A 234 -20.59 11.75 4.86
N GLU A 235 -20.89 12.42 3.74
CA GLU A 235 -20.82 11.79 2.43
C GLU A 235 -19.35 11.42 2.15
N LEU A 236 -19.13 10.29 1.47
CA LEU A 236 -17.78 9.85 1.13
C LEU A 236 -17.23 10.78 0.05
N GLN A 237 -15.90 11.04 0.07
CA GLN A 237 -15.23 11.89 -0.91
C GLN A 237 -15.43 11.36 -2.32
N ASN A 238 -15.24 10.02 -2.52
CA ASN A 238 -15.44 9.35 -3.80
C ASN A 238 -16.24 8.03 -3.60
N PRO A 239 -17.60 8.10 -3.53
CA PRO A 239 -18.39 6.87 -3.29
C PRO A 239 -18.34 5.81 -4.40
N GLU A 240 -18.12 6.23 -5.66
CA GLU A 240 -18.02 5.35 -6.84
C GLU A 240 -16.81 4.38 -6.79
N LYS A 241 -15.85 4.69 -5.89
CA LYS A 241 -14.63 3.93 -5.62
C LYS A 241 -14.87 2.74 -4.69
N LEU A 242 -16.05 2.66 -4.06
CA LEU A 242 -16.40 1.56 -3.14
C LEU A 242 -17.35 0.62 -3.88
N SER A 243 -17.21 -0.71 -3.68
CA SER A 243 -18.12 -1.68 -4.27
C SER A 243 -19.46 -1.57 -3.55
N ALA A 244 -20.54 -2.05 -4.16
CA ALA A 244 -21.88 -2.02 -3.59
C ALA A 244 -21.93 -2.81 -2.27
N ILE A 245 -21.17 -3.94 -2.18
CA ILE A 245 -21.17 -4.78 -0.98
C ILE A 245 -20.46 -4.08 0.20
N PHE A 246 -19.43 -3.28 -0.09
CA PHE A 246 -18.74 -2.50 0.91
C PHE A 246 -19.64 -1.35 1.36
N ARG A 247 -20.31 -0.64 0.42
CA ARG A 247 -21.23 0.45 0.78
C ARG A 247 -22.35 -0.05 1.68
N ASP A 248 -22.88 -1.27 1.42
CA ASP A 248 -23.92 -1.92 2.25
C ASP A 248 -23.42 -2.21 3.65
N PHE A 249 -22.20 -2.78 3.76
CA PHE A 249 -21.55 -3.05 5.05
C PHE A 249 -21.46 -1.77 5.90
N LEU A 250 -21.02 -0.64 5.29
CA LEU A 250 -20.90 0.68 5.93
C LEU A 250 -22.26 1.20 6.36
N ASN A 251 -23.31 1.02 5.54
CA ASN A 251 -24.69 1.42 5.84
C ASN A 251 -25.23 0.72 7.08
N ARG A 252 -24.84 -0.55 7.28
CA ARG A 252 -25.27 -1.34 8.43
C ARG A 252 -24.58 -0.94 9.71
N CYS A 253 -23.32 -0.50 9.59
CA CYS A 253 -22.43 -0.01 10.64
C CYS A 253 -22.82 1.39 11.07
N LEU A 254 -23.15 2.25 10.08
CA LEU A 254 -23.41 3.66 10.28
C LEU A 254 -24.87 4.05 10.23
N GLU A 255 -25.74 3.11 10.60
CA GLU A 255 -27.17 3.33 10.68
C GLU A 255 -27.48 4.18 11.96
N MET A 256 -28.20 5.29 11.79
CA MET A 256 -28.58 6.21 12.86
C MET A 256 -29.50 5.58 13.90
N ASP A 257 -30.43 4.73 13.45
CA ASP A 257 -31.36 4.01 14.33
C ASP A 257 -30.57 2.83 14.91
N VAL A 258 -30.29 2.88 16.23
CA VAL A 258 -29.51 1.88 16.97
C VAL A 258 -30.08 0.46 16.80
N GLU A 259 -31.42 0.31 16.83
CA GLU A 259 -32.09 -0.99 16.64
C GLU A 259 -31.82 -1.54 15.24
N LYS A 260 -31.75 -0.66 14.23
CA LYS A 260 -31.48 -1.01 12.83
C LYS A 260 -29.98 -1.30 12.59
N ARG A 261 -29.09 -0.62 13.33
CA ARG A 261 -27.64 -0.80 13.26
C ARG A 261 -27.30 -2.24 13.65
N GLY A 262 -26.37 -2.84 12.93
CA GLY A 262 -26.01 -4.22 13.22
C GLY A 262 -25.20 -4.41 14.49
N SER A 263 -25.36 -5.59 15.11
CA SER A 263 -24.56 -5.99 16.28
C SER A 263 -23.28 -6.62 15.68
N ALA A 264 -22.24 -6.87 16.51
CA ALA A 264 -21.00 -7.50 16.05
C ALA A 264 -21.25 -8.92 15.48
N LYS A 265 -22.15 -9.69 16.14
CA LYS A 265 -22.55 -11.04 15.77
C LYS A 265 -23.28 -11.07 14.41
N GLU A 266 -24.17 -10.08 14.15
CA GLU A 266 -24.89 -9.97 12.88
C GLU A 266 -23.96 -9.60 11.74
N LEU A 267 -23.06 -8.62 11.98
CA LEU A 267 -22.11 -8.13 10.97
C LEU A 267 -21.02 -9.13 10.66
N LEU A 268 -20.77 -10.12 11.54
CA LEU A 268 -19.81 -11.19 11.23
C LEU A 268 -20.35 -12.13 10.13
N GLN A 269 -21.68 -12.06 9.89
CA GLN A 269 -22.37 -12.84 8.86
C GLN A 269 -22.57 -12.02 7.57
N HIS A 270 -22.11 -10.76 7.56
CA HIS A 270 -22.21 -9.90 6.38
C HIS A 270 -21.40 -10.47 5.20
N GLN A 271 -21.93 -10.33 3.96
CA GLN A 271 -21.33 -10.82 2.70
C GLN A 271 -19.97 -10.16 2.42
N PHE A 272 -19.77 -8.89 2.84
CA PHE A 272 -18.52 -8.15 2.65
C PHE A 272 -17.31 -8.85 3.22
N LEU A 273 -17.45 -9.48 4.39
CA LEU A 273 -16.32 -10.18 5.04
C LEU A 273 -15.89 -11.44 4.32
N LYS A 274 -16.72 -11.95 3.39
CA LYS A 274 -16.44 -13.16 2.62
C LYS A 274 -15.43 -12.91 1.49
N ILE A 275 -15.16 -11.63 1.18
CA ILE A 275 -14.16 -11.24 0.18
C ILE A 275 -12.82 -10.91 0.88
N ALA A 276 -12.73 -11.18 2.22
CA ALA A 276 -11.52 -10.98 3.04
C ALA A 276 -10.39 -11.86 2.59
N LYS A 277 -9.22 -11.26 2.43
CA LYS A 277 -8.01 -11.96 2.01
C LYS A 277 -7.39 -12.56 3.27
N PRO A 278 -6.49 -13.59 3.19
CA PRO A 278 -5.86 -14.09 4.43
C PRO A 278 -5.09 -12.98 5.13
N LEU A 279 -4.79 -13.13 6.42
CA LEU A 279 -4.08 -12.09 7.20
C LEU A 279 -2.63 -11.87 6.73
N SER A 280 -2.08 -12.81 5.92
CA SER A 280 -0.75 -12.67 5.33
C SER A 280 -0.73 -11.48 4.33
N SER A 281 -1.89 -11.16 3.70
CA SER A 281 -2.06 -10.05 2.75
C SER A 281 -1.81 -8.69 3.40
N LEU A 282 -1.79 -8.64 4.74
CA LEU A 282 -1.55 -7.41 5.47
C LEU A 282 -0.07 -7.12 5.69
N THR A 283 0.81 -8.15 5.62
CA THR A 283 2.25 -8.00 5.85
C THR A 283 2.93 -7.07 4.78
N PRO A 284 2.57 -7.06 3.46
CA PRO A 284 3.16 -6.06 2.56
C PRO A 284 2.79 -4.63 2.99
N LEU A 285 1.59 -4.42 3.55
CA LEU A 285 1.14 -3.11 4.08
C LEU A 285 2.03 -2.67 5.27
N ILE A 286 2.33 -3.61 6.19
CA ILE A 286 3.18 -3.36 7.36
C ILE A 286 4.57 -2.94 6.89
N ALA A 287 5.13 -3.67 5.88
CA ALA A 287 6.43 -3.41 5.26
C ALA A 287 6.49 -2.00 4.67
N ALA A 288 5.45 -1.59 3.93
CA ALA A 288 5.33 -0.27 3.33
C ALA A 288 5.23 0.85 4.38
N ALA A 289 4.43 0.65 5.47
CA ALA A 289 4.29 1.68 6.53
C ALA A 289 5.61 1.85 7.28
N LYS A 290 6.33 0.74 7.56
CA LYS A 290 7.65 0.74 8.20
C LYS A 290 8.68 1.46 7.35
N GLU A 291 8.61 1.27 6.00
CA GLU A 291 9.51 1.93 5.06
C GLU A 291 9.21 3.45 4.97
N ALA A 292 7.92 3.80 4.98
CA ALA A 292 7.48 5.19 4.92
C ALA A 292 7.79 5.99 6.19
N THR A 293 7.71 5.34 7.37
CA THR A 293 7.94 5.97 8.69
C THR A 293 9.33 5.63 9.30
N LYS A 294 10.31 5.23 8.46
CA LYS A 294 11.65 4.86 8.94
C LYS A 294 12.41 6.11 9.42
N ASN A 295 12.78 7.02 8.49
CA ASN A 295 13.51 8.26 8.78
C ASN A 295 12.56 9.35 9.27
N ILE B 5 25.37 -15.36 -40.40
CA ILE B 5 25.92 -15.09 -39.07
C ILE B 5 27.36 -14.52 -39.18
N LEU B 6 27.56 -13.28 -38.66
CA LEU B 6 28.84 -12.57 -38.71
C LEU B 6 29.50 -12.31 -37.33
N GLU B 7 30.79 -11.89 -37.36
CA GLU B 7 31.63 -11.58 -36.20
C GLU B 7 31.81 -10.08 -35.92
N LYS B 8 31.16 -9.18 -36.68
CA LYS B 8 31.27 -7.73 -36.44
C LYS B 8 30.46 -7.30 -35.16
N LEU B 9 30.23 -8.31 -34.30
CA LEU B 9 29.61 -8.29 -32.99
C LEU B 9 30.78 -8.39 -31.98
N ARG B 10 31.88 -9.02 -32.40
CA ARG B 10 33.15 -9.16 -31.68
C ARG B 10 33.94 -7.84 -31.74
N SER B 11 33.61 -6.98 -32.72
CA SER B 11 34.24 -5.68 -32.92
C SER B 11 33.80 -4.61 -31.89
N ILE B 12 32.63 -4.77 -31.25
CA ILE B 12 32.11 -3.82 -30.25
C ILE B 12 32.45 -4.23 -28.80
N VAL B 13 32.86 -5.50 -28.60
CA VAL B 13 33.30 -6.10 -27.32
C VAL B 13 34.57 -5.38 -26.85
N SER B 14 34.71 -5.18 -25.52
CA SER B 14 35.81 -4.46 -24.86
C SER B 14 37.15 -5.18 -24.85
N VAL B 15 37.21 -6.44 -24.33
CA VAL B 15 38.42 -7.28 -24.16
C VAL B 15 39.60 -6.46 -23.59
N LYS B 19 36.67 -11.06 -15.95
CA LYS B 19 36.94 -11.84 -14.75
C LYS B 19 37.93 -11.15 -13.80
N LYS B 20 38.80 -10.27 -14.37
CA LYS B 20 39.80 -9.47 -13.65
C LYS B 20 39.24 -8.08 -13.29
N LYS B 21 38.21 -7.62 -14.04
CA LYS B 21 37.59 -6.30 -13.88
C LYS B 21 36.46 -6.25 -12.86
N TYR B 22 35.80 -7.40 -12.60
CA TYR B 22 34.67 -7.50 -11.67
C TYR B 22 34.84 -8.63 -10.69
N THR B 23 34.28 -8.46 -9.48
CA THR B 23 34.34 -9.44 -8.41
C THR B 23 32.98 -9.65 -7.73
N ARG B 24 32.89 -10.63 -6.81
CA ARG B 24 31.72 -10.98 -5.99
C ARG B 24 30.47 -11.33 -6.81
N PHE B 25 30.64 -12.24 -7.79
CA PHE B 25 29.56 -12.70 -8.65
C PHE B 25 28.52 -13.48 -7.84
N GLU B 26 27.23 -13.16 -8.03
CA GLU B 26 26.09 -13.79 -7.36
C GLU B 26 24.92 -13.88 -8.34
N LYS B 27 24.53 -15.12 -8.72
CA LYS B 27 23.45 -15.40 -9.67
C LYS B 27 22.11 -14.80 -9.23
N ILE B 28 21.36 -14.23 -10.22
CA ILE B 28 20.05 -13.57 -10.09
C ILE B 28 19.18 -13.98 -11.30
N GLY B 29 17.86 -14.07 -11.10
CA GLY B 29 16.85 -14.36 -12.13
C GLY B 29 17.04 -15.57 -13.03
N GLN B 30 16.31 -15.57 -14.16
CA GLN B 30 16.30 -16.65 -15.16
C GLN B 30 16.99 -16.26 -16.46
N VAL B 36 22.19 -13.67 -15.92
CA VAL B 36 22.02 -12.51 -15.05
C VAL B 36 22.69 -12.77 -13.70
N TYR B 37 23.64 -11.91 -13.31
CA TYR B 37 24.42 -12.04 -12.07
C TYR B 37 24.70 -10.64 -11.53
N THR B 38 25.02 -10.52 -10.23
CA THR B 38 25.36 -9.25 -9.60
C THR B 38 26.87 -9.29 -9.33
N ALA B 39 27.57 -8.15 -9.46
CA ALA B 39 29.02 -8.07 -9.26
C ALA B 39 29.46 -6.67 -8.90
N MET B 40 30.74 -6.48 -8.54
CA MET B 40 31.31 -5.18 -8.19
C MET B 40 32.52 -4.90 -9.06
N GLY B 45 34.54 0.80 -8.28
CA GLY B 45 33.90 0.49 -7.00
C GLY B 45 32.40 0.70 -7.00
N GLN B 46 31.73 0.21 -8.08
CA GLN B 46 30.28 0.30 -8.33
C GLN B 46 29.64 -1.09 -8.40
N GLU B 47 28.34 -1.16 -8.04
CA GLU B 47 27.55 -2.40 -8.10
C GLU B 47 26.97 -2.54 -9.51
N VAL B 48 27.23 -3.69 -10.17
CA VAL B 48 26.80 -3.96 -11.55
C VAL B 48 25.99 -5.24 -11.71
N ALA B 49 25.23 -5.33 -12.81
CA ALA B 49 24.45 -6.48 -13.22
C ALA B 49 25.07 -6.99 -14.51
N ILE B 50 25.41 -8.28 -14.57
CA ILE B 50 26.04 -8.88 -15.73
C ILE B 50 25.17 -9.99 -16.34
N LYS B 51 24.59 -9.72 -17.52
CA LYS B 51 23.77 -10.67 -18.26
C LYS B 51 24.70 -11.52 -19.13
N GLN B 52 24.77 -12.82 -18.85
CA GLN B 52 25.58 -13.79 -19.61
C GLN B 52 24.63 -14.75 -20.32
N MET B 53 24.77 -14.88 -21.66
CA MET B 53 23.91 -15.76 -22.46
C MET B 53 24.70 -16.93 -23.05
N GLU B 62 22.05 -10.33 -33.99
CA GLU B 62 21.80 -9.21 -34.90
C GLU B 62 20.97 -8.11 -34.22
N LEU B 63 20.07 -8.50 -33.28
CA LEU B 63 19.23 -7.59 -32.48
C LEU B 63 19.98 -7.17 -31.22
N ILE B 64 20.86 -8.08 -30.73
CA ILE B 64 21.76 -7.94 -29.59
C ILE B 64 22.81 -6.84 -29.90
N ILE B 65 23.16 -6.68 -31.20
CA ILE B 65 24.09 -5.67 -31.70
C ILE B 65 23.37 -4.31 -31.67
N ASN B 66 22.11 -4.26 -32.18
CA ASN B 66 21.31 -3.02 -32.22
C ASN B 66 21.05 -2.47 -30.81
N GLU B 67 20.77 -3.37 -29.84
CA GLU B 67 20.53 -3.03 -28.44
C GLU B 67 21.78 -2.41 -27.79
N ILE B 68 22.97 -3.01 -28.01
CA ILE B 68 24.24 -2.48 -27.48
C ILE B 68 24.56 -1.13 -28.16
N LEU B 69 24.36 -1.02 -29.49
CA LEU B 69 24.61 0.22 -30.22
C LEU B 69 23.74 1.38 -29.78
N VAL B 70 22.41 1.17 -29.68
CA VAL B 70 21.43 2.18 -29.24
C VAL B 70 21.67 2.59 -27.79
N MET B 71 22.04 1.64 -26.92
CA MET B 71 22.28 1.98 -25.52
C MET B 71 23.53 2.83 -25.28
N ARG B 72 24.60 2.64 -26.09
CA ARG B 72 25.85 3.41 -26.01
C ARG B 72 25.59 4.86 -26.41
N GLU B 73 24.81 5.03 -27.49
CA GLU B 73 24.46 6.32 -28.11
C GLU B 73 23.37 7.09 -27.35
N ASN B 74 22.55 6.40 -26.54
CA ASN B 74 21.42 7.05 -25.88
C ASN B 74 21.44 6.92 -24.32
N LYS B 75 22.36 7.65 -23.71
CA LYS B 75 22.56 7.73 -22.26
C LYS B 75 21.82 8.95 -21.71
N ASN B 76 20.98 8.71 -20.68
CA ASN B 76 20.06 9.62 -20.00
C ASN B 76 19.80 9.06 -18.58
N PRO B 77 19.50 9.90 -17.55
CA PRO B 77 19.24 9.35 -16.20
C PRO B 77 18.02 8.43 -16.07
N ASN B 78 17.06 8.50 -17.01
CA ASN B 78 15.84 7.68 -16.96
C ASN B 78 15.91 6.41 -17.83
N ILE B 79 17.15 6.02 -18.17
CA ILE B 79 17.49 4.82 -18.95
C ILE B 79 18.59 4.06 -18.19
N VAL B 80 18.41 2.71 -18.01
CA VAL B 80 19.39 1.84 -17.34
C VAL B 80 20.67 1.94 -18.15
N ASN B 81 21.78 2.28 -17.47
CA ASN B 81 23.07 2.47 -18.10
C ASN B 81 23.70 1.18 -18.56
N TYR B 82 24.09 1.14 -19.86
CA TYR B 82 24.88 0.08 -20.45
C TYR B 82 26.31 0.50 -20.10
N LEU B 83 27.07 -0.40 -19.49
CA LEU B 83 28.41 -0.03 -19.05
C LEU B 83 29.51 -0.57 -19.94
N ASP B 84 29.42 -1.87 -20.32
CA ASP B 84 30.42 -2.58 -21.10
C ASP B 84 29.91 -3.91 -21.63
N SER B 85 30.66 -4.54 -22.54
CA SER B 85 30.40 -5.85 -23.13
C SER B 85 31.71 -6.57 -23.38
N TYR B 86 31.70 -7.91 -23.19
CA TYR B 86 32.89 -8.76 -23.36
C TYR B 86 32.52 -10.05 -24.06
N VAL B 94 27.22 -8.75 -21.08
CA VAL B 94 26.74 -7.36 -21.10
C VAL B 94 26.69 -6.86 -19.65
N VAL B 95 27.46 -5.81 -19.35
CA VAL B 95 27.56 -5.18 -18.03
C VAL B 95 26.62 -3.98 -18.01
N MET B 96 25.56 -4.06 -17.19
CA MET B 96 24.54 -3.02 -17.02
C MET B 96 24.63 -2.54 -15.59
N GLU B 97 24.10 -1.34 -15.31
CA GLU B 97 24.07 -0.86 -13.93
C GLU B 97 23.06 -1.68 -13.13
N TYR B 98 23.23 -1.73 -11.81
CA TYR B 98 22.33 -2.49 -10.96
C TYR B 98 21.30 -1.62 -10.25
N LEU B 99 20.01 -1.98 -10.40
CA LEU B 99 18.87 -1.32 -9.76
C LEU B 99 18.25 -2.39 -8.87
N ALA B 100 18.48 -2.26 -7.57
CA ALA B 100 18.09 -3.26 -6.59
C ALA B 100 16.60 -3.31 -6.21
N GLY B 101 15.79 -2.35 -6.65
CA GLY B 101 14.37 -2.30 -6.28
C GLY B 101 13.37 -3.07 -7.12
N GLY B 102 13.87 -3.94 -8.01
CA GLY B 102 13.04 -4.75 -8.91
C GLY B 102 12.39 -3.98 -10.04
N SER B 103 11.41 -4.62 -10.70
CA SER B 103 10.66 -4.00 -11.79
C SER B 103 9.32 -3.42 -11.31
N LEU B 104 8.68 -2.59 -12.16
CA LEU B 104 7.37 -1.99 -11.89
C LEU B 104 6.28 -3.07 -11.81
N THR B 105 6.47 -4.21 -12.53
CA THR B 105 5.52 -5.35 -12.56
C THR B 105 5.25 -5.87 -11.16
N ASP B 106 6.29 -6.05 -10.34
CA ASP B 106 6.19 -6.54 -8.96
C ASP B 106 5.38 -5.57 -8.14
N VAL B 107 5.57 -4.26 -8.36
CA VAL B 107 4.82 -3.22 -7.67
C VAL B 107 3.35 -3.21 -8.10
N VAL B 108 3.07 -3.25 -9.43
CA VAL B 108 1.68 -3.16 -9.93
C VAL B 108 0.86 -4.41 -9.64
N THR B 109 1.50 -5.59 -9.54
CA THR B 109 0.77 -6.82 -9.25
C THR B 109 0.62 -7.10 -7.76
N GLU B 110 1.40 -6.40 -6.88
CA GLU B 110 1.36 -6.64 -5.43
C GLU B 110 0.89 -5.45 -4.57
N THR B 111 0.69 -4.28 -5.18
CA THR B 111 0.30 -3.07 -4.42
C THR B 111 -0.75 -2.26 -5.16
N CYS B 112 -1.38 -1.31 -4.42
CA CYS B 112 -2.32 -0.32 -4.92
C CYS B 112 -1.60 1.01 -4.89
N MET B 113 -1.25 1.51 -6.05
CA MET B 113 -0.55 2.78 -6.22
C MET B 113 -1.57 3.91 -6.21
N ASP B 114 -1.21 5.06 -5.62
CA ASP B 114 -2.10 6.23 -5.69
C ASP B 114 -1.68 7.09 -6.89
N GLU B 115 -2.53 8.04 -7.28
CA GLU B 115 -2.33 8.92 -8.44
C GLU B 115 -1.03 9.71 -8.40
N GLY B 116 -0.63 10.14 -7.21
CA GLY B 116 0.61 10.87 -6.96
C GLY B 116 1.83 10.02 -7.28
N GLN B 117 1.73 8.69 -7.04
CA GLN B 117 2.78 7.70 -7.32
C GLN B 117 2.80 7.37 -8.81
N ILE B 118 1.61 7.19 -9.42
CA ILE B 118 1.46 6.90 -10.84
C ILE B 118 2.01 8.07 -11.66
N ALA B 119 1.66 9.32 -11.29
CA ALA B 119 2.11 10.54 -11.95
C ALA B 119 3.63 10.67 -11.91
N ALA B 120 4.26 10.27 -10.78
CA ALA B 120 5.73 10.26 -10.58
C ALA B 120 6.40 9.28 -11.56
N VAL B 121 5.83 8.07 -11.73
CA VAL B 121 6.34 7.06 -12.66
C VAL B 121 6.16 7.53 -14.12
N CYS B 122 4.96 8.06 -14.48
CA CYS B 122 4.67 8.59 -15.83
C CYS B 122 5.58 9.71 -16.22
N ARG B 123 5.89 10.65 -15.28
CA ARG B 123 6.80 11.76 -15.54
C ARG B 123 8.19 11.24 -15.90
N GLU B 124 8.72 10.28 -15.12
CA GLU B 124 10.04 9.68 -15.36
C GLU B 124 10.13 8.96 -16.69
N CYS B 125 9.12 8.16 -17.05
CA CYS B 125 9.06 7.44 -18.32
C CYS B 125 8.95 8.38 -19.50
N LEU B 126 8.20 9.49 -19.35
CA LEU B 126 8.03 10.47 -20.43
C LEU B 126 9.34 11.21 -20.68
N GLN B 127 10.17 11.41 -19.62
CA GLN B 127 11.47 12.06 -19.72
C GLN B 127 12.42 11.16 -20.49
N ALA B 128 12.30 9.82 -20.31
CA ALA B 128 13.08 8.83 -21.05
C ALA B 128 12.64 8.81 -22.52
N LEU B 129 11.30 8.86 -22.77
CA LEU B 129 10.71 8.85 -24.12
C LEU B 129 11.01 10.11 -24.89
N GLU B 130 10.95 11.29 -24.23
CA GLU B 130 11.26 12.59 -24.85
C GLU B 130 12.70 12.58 -25.35
N PHE B 131 13.63 12.06 -24.54
CA PHE B 131 15.05 11.90 -24.86
C PHE B 131 15.25 10.98 -26.09
N LEU B 132 14.66 9.76 -26.08
CA LEU B 132 14.80 8.76 -27.15
C LEU B 132 14.24 9.23 -28.48
N HIS B 133 13.06 9.86 -28.44
CA HIS B 133 12.36 10.37 -29.61
C HIS B 133 13.10 11.51 -30.27
N SER B 134 13.75 12.39 -29.46
CA SER B 134 14.54 13.51 -29.97
C SER B 134 15.81 12.97 -30.67
N ASN B 135 16.22 11.74 -30.29
CA ASN B 135 17.35 11.03 -30.88
C ASN B 135 16.89 10.03 -31.96
N GLN B 136 15.63 10.19 -32.44
CA GLN B 136 14.98 9.39 -33.47
C GLN B 136 15.03 7.87 -33.19
N VAL B 137 14.76 7.51 -31.93
CA VAL B 137 14.71 6.12 -31.45
C VAL B 137 13.30 5.84 -30.96
N ILE B 138 12.70 4.73 -31.43
CA ILE B 138 11.38 4.24 -31.00
C ILE B 138 11.68 3.00 -30.18
N HIS B 139 11.31 2.98 -28.90
CA HIS B 139 11.58 1.84 -28.01
C HIS B 139 10.87 0.58 -28.51
N ARG B 140 9.54 0.68 -28.75
CA ARG B 140 8.67 -0.37 -29.31
C ARG B 140 8.34 -1.48 -28.34
N ASP B 141 8.75 -1.33 -27.08
CA ASP B 141 8.49 -2.33 -26.06
C ASP B 141 8.35 -1.71 -24.65
N ILE B 142 7.54 -0.62 -24.52
CA ILE B 142 7.27 0.05 -23.24
C ILE B 142 6.22 -0.78 -22.47
N LYS B 143 6.61 -1.34 -21.34
CA LYS B 143 5.76 -2.14 -20.46
C LYS B 143 6.39 -2.18 -19.08
N SER B 144 5.57 -2.38 -18.03
CA SER B 144 6.03 -2.41 -16.62
C SER B 144 7.25 -3.30 -16.36
N ASP B 145 7.39 -4.41 -17.12
CA ASP B 145 8.50 -5.37 -17.05
C ASP B 145 9.85 -4.73 -17.41
N ASN B 146 9.82 -3.63 -18.20
CA ASN B 146 10.99 -2.90 -18.69
C ASN B 146 11.25 -1.61 -17.91
N ILE B 147 10.61 -1.45 -16.75
CA ILE B 147 10.82 -0.31 -15.86
C ILE B 147 11.47 -0.85 -14.61
N LEU B 148 12.73 -0.52 -14.41
CA LEU B 148 13.44 -0.98 -13.22
C LEU B 148 13.48 0.17 -12.24
N LEU B 149 13.37 -0.17 -10.94
CA LEU B 149 13.30 0.77 -9.81
C LEU B 149 14.53 0.66 -8.93
N GLY B 150 14.98 1.83 -8.47
CA GLY B 150 16.10 1.95 -7.56
C GLY B 150 15.59 2.08 -6.13
N MET B 151 16.41 1.66 -5.15
CA MET B 151 16.06 1.71 -3.72
C MET B 151 15.81 3.15 -3.21
N ASP B 152 16.25 4.16 -3.96
CA ASP B 152 16.03 5.58 -3.65
C ASP B 152 14.76 6.10 -4.36
N GLY B 153 14.03 5.20 -5.02
CA GLY B 153 12.83 5.53 -5.78
C GLY B 153 13.08 5.83 -7.26
N SER B 154 14.35 5.85 -7.71
CA SER B 154 14.70 6.14 -9.10
C SER B 154 14.01 5.19 -10.12
N VAL B 155 13.57 5.75 -11.26
CA VAL B 155 12.84 5.02 -12.31
C VAL B 155 13.66 5.02 -13.62
N LYS B 156 14.02 3.81 -14.10
CA LYS B 156 14.85 3.66 -15.30
C LYS B 156 14.24 2.69 -16.33
N LEU B 157 14.28 3.08 -17.61
CA LEU B 157 13.80 2.28 -18.73
C LEU B 157 14.89 1.33 -19.26
N THR B 158 14.52 0.07 -19.59
CA THR B 158 15.47 -0.89 -20.16
C THR B 158 14.87 -1.70 -21.36
N ASP B 159 15.67 -2.71 -21.83
CA ASP B 159 15.39 -3.65 -22.93
CA ASP B 159 15.39 -3.66 -22.92
C ASP B 159 15.20 -2.93 -24.26
N PHE B 160 16.33 -2.64 -24.91
CA PHE B 160 16.37 -1.92 -26.18
C PHE B 160 16.61 -2.82 -27.36
N GLY B 161 16.18 -4.07 -27.24
CA GLY B 161 16.32 -5.06 -28.30
C GLY B 161 15.44 -4.73 -29.50
N PHE B 162 14.16 -4.41 -29.24
CA PHE B 162 13.14 -4.11 -30.22
C PHE B 162 13.13 -2.69 -30.76
N CYS B 163 14.07 -1.84 -30.35
CA CYS B 163 14.05 -0.45 -30.79
C CYS B 163 14.34 -0.22 -32.28
N ALA B 164 13.76 0.86 -32.80
CA ALA B 164 13.90 1.31 -34.18
C ALA B 164 14.57 2.67 -34.21
N GLN B 165 15.65 2.78 -34.98
CA GLN B 165 16.37 4.02 -35.20
C GLN B 165 15.82 4.56 -36.53
N ILE B 166 15.04 5.65 -36.46
CA ILE B 166 14.45 6.27 -37.64
C ILE B 166 15.35 7.41 -38.14
N THR B 167 15.05 7.92 -39.34
CA THR B 167 15.84 8.95 -40.05
C THR B 167 14.90 9.73 -41.02
N PRO B 168 15.24 10.95 -41.54
CA PRO B 168 14.34 11.60 -42.52
C PRO B 168 14.09 10.80 -43.81
N GLU B 169 15.06 9.94 -44.21
CA GLU B 169 14.96 9.07 -45.40
C GLU B 169 13.99 7.88 -45.20
N GLN B 170 13.69 7.52 -43.92
CA GLN B 170 12.76 6.47 -43.51
C GLN B 170 12.24 6.79 -42.08
N SER B 171 11.32 7.77 -42.01
CA SER B 171 10.75 8.28 -40.75
C SER B 171 9.70 7.38 -40.07
N LYS B 172 9.19 6.35 -40.78
CA LYS B 172 8.19 5.43 -40.26
C LYS B 172 8.62 3.95 -40.31
N ARG B 173 7.95 3.09 -39.53
CA ARG B 173 8.21 1.65 -39.52
C ARG B 173 6.89 0.90 -39.73
N SER B 174 6.94 -0.39 -40.09
CA SER B 174 5.74 -1.19 -40.35
C SER B 174 5.70 -2.52 -39.58
N MET B 176 5.50 -5.66 -37.08
CA MET B 176 4.72 -5.78 -35.86
C MET B 176 5.58 -6.43 -34.77
N VAL B 177 6.21 -5.56 -33.95
CA VAL B 177 7.07 -5.94 -32.83
C VAL B 177 6.60 -5.28 -31.54
N GLY B 178 6.76 -6.01 -30.45
CA GLY B 178 6.39 -5.61 -29.10
C GLY B 178 5.77 -6.76 -28.33
N THR B 179 5.05 -6.42 -27.23
CA THR B 179 4.36 -7.43 -26.42
C THR B 179 2.86 -7.21 -26.65
N PRO B 180 2.17 -8.20 -27.31
CA PRO B 180 0.78 -8.01 -27.72
C PRO B 180 -0.10 -7.03 -26.93
N TYR B 181 -0.19 -7.17 -25.59
CA TYR B 181 -1.05 -6.39 -24.71
C TYR B 181 -0.72 -4.89 -24.65
N TRP B 182 0.54 -4.54 -25.00
CA TRP B 182 1.05 -3.18 -24.96
C TRP B 182 1.16 -2.48 -26.31
N MET B 183 0.85 -3.20 -27.40
CA MET B 183 0.97 -2.73 -28.78
C MET B 183 -0.14 -1.76 -29.22
N ALA B 184 0.28 -0.65 -29.90
CA ALA B 184 -0.61 0.36 -30.46
C ALA B 184 -1.39 -0.24 -31.63
N PRO B 185 -2.66 0.16 -31.87
CA PRO B 185 -3.43 -0.46 -32.98
C PRO B 185 -2.76 -0.36 -34.36
N GLU B 186 -1.97 0.71 -34.60
CA GLU B 186 -1.27 0.92 -35.88
C GLU B 186 -0.09 -0.08 -36.05
N VAL B 187 0.44 -0.60 -34.92
CA VAL B 187 1.52 -1.60 -34.96
C VAL B 187 0.90 -2.96 -35.28
N VAL B 188 -0.15 -3.28 -34.54
CA VAL B 188 -0.91 -4.51 -34.64
C VAL B 188 -1.42 -4.75 -36.09
N THR B 189 -1.98 -3.69 -36.71
CA THR B 189 -2.50 -3.71 -38.08
C THR B 189 -1.42 -3.51 -39.16
N ARG B 190 -0.13 -3.42 -38.76
CA ARG B 190 1.02 -3.25 -39.67
C ARG B 190 0.91 -2.03 -40.59
N LYS B 191 0.60 -0.88 -40.00
CA LYS B 191 0.51 0.39 -40.72
C LYS B 191 1.82 1.16 -40.47
N ALA B 192 2.07 2.25 -41.24
CA ALA B 192 3.27 3.08 -41.07
C ALA B 192 3.13 3.84 -39.76
N TYR B 193 4.06 3.60 -38.81
CA TYR B 193 4.01 4.22 -37.48
C TYR B 193 5.31 4.96 -37.07
N GLY B 194 5.19 5.79 -36.04
CA GLY B 194 6.30 6.56 -35.50
C GLY B 194 6.47 6.43 -34.00
N PRO B 195 7.15 7.41 -33.36
CA PRO B 195 7.41 7.33 -31.90
C PRO B 195 6.18 7.31 -30.98
N LYS B 196 5.01 7.78 -31.46
CA LYS B 196 3.79 7.82 -30.64
C LYS B 196 3.25 6.42 -30.32
N VAL B 197 3.88 5.34 -30.85
CA VAL B 197 3.52 3.96 -30.48
C VAL B 197 3.94 3.71 -29.03
N ASP B 198 5.04 4.34 -28.61
CA ASP B 198 5.58 4.29 -27.26
C ASP B 198 4.68 5.02 -26.29
N ILE B 199 3.98 6.08 -26.75
CA ILE B 199 3.04 6.86 -25.95
C ILE B 199 1.81 6.02 -25.60
N TRP B 200 1.31 5.25 -26.59
CA TRP B 200 0.20 4.34 -26.44
C TRP B 200 0.57 3.30 -25.37
N SER B 201 1.76 2.68 -25.51
CA SER B 201 2.29 1.64 -24.61
C SER B 201 2.41 2.14 -23.17
N LEU B 202 2.76 3.43 -23.00
CA LEU B 202 2.85 4.11 -21.72
C LEU B 202 1.42 4.21 -21.11
N GLY B 203 0.43 4.49 -21.96
CA GLY B 203 -0.97 4.59 -21.58
C GLY B 203 -1.49 3.27 -21.04
N ILE B 204 -1.08 2.15 -21.68
CA ILE B 204 -1.42 0.79 -21.25
C ILE B 204 -0.72 0.52 -19.91
N MET B 205 0.51 1.00 -19.76
CA MET B 205 1.28 0.84 -18.54
C MET B 205 0.64 1.57 -17.35
N ALA B 206 0.05 2.74 -17.60
CA ALA B 206 -0.69 3.52 -16.58
C ALA B 206 -1.97 2.77 -16.17
N ILE B 207 -2.61 2.03 -17.12
CA ILE B 207 -3.78 1.17 -16.87
C ILE B 207 -3.36 0.00 -15.95
N GLU B 208 -2.15 -0.59 -16.18
CA GLU B 208 -1.54 -1.63 -15.33
C GLU B 208 -1.35 -1.09 -13.92
N MET B 209 -1.00 0.22 -13.80
CA MET B 209 -0.74 0.86 -12.52
C MET B 209 -2.03 1.06 -11.71
N ILE B 210 -3.19 1.16 -12.40
CA ILE B 210 -4.52 1.31 -11.81
C ILE B 210 -5.11 -0.06 -11.43
N GLU B 211 -5.20 -0.92 -12.44
CA GLU B 211 -5.90 -2.21 -12.48
C GLU B 211 -5.06 -3.41 -12.11
N GLY B 212 -3.75 -3.24 -12.16
CA GLY B 212 -2.82 -4.29 -11.82
C GLY B 212 -2.39 -5.16 -12.98
N GLU B 213 -3.04 -5.00 -14.13
CA GLU B 213 -2.78 -5.81 -15.32
C GLU B 213 -3.03 -4.99 -16.58
N PRO B 214 -2.37 -5.28 -17.74
CA PRO B 214 -2.77 -4.59 -18.97
C PRO B 214 -4.13 -5.16 -19.45
N PRO B 215 -4.86 -4.41 -20.29
CA PRO B 215 -6.12 -4.94 -20.84
C PRO B 215 -5.91 -6.25 -21.63
N TYR B 216 -6.88 -7.17 -21.52
CA TYR B 216 -6.95 -8.50 -22.19
C TYR B 216 -5.86 -9.50 -21.72
N LEU B 217 -5.22 -9.26 -20.56
CA LEU B 217 -4.15 -10.15 -20.07
C LEU B 217 -4.60 -11.60 -19.89
N ASN B 218 -5.88 -11.82 -19.54
CA ASN B 218 -6.46 -13.16 -19.35
C ASN B 218 -6.63 -13.93 -20.69
N GLU B 219 -6.60 -13.18 -21.83
CA GLU B 219 -6.72 -13.72 -23.18
C GLU B 219 -5.38 -14.25 -23.65
N ASN B 220 -5.39 -14.97 -24.78
CA ASN B 220 -4.16 -15.47 -25.40
C ASN B 220 -3.52 -14.29 -26.15
N PRO B 221 -2.18 -14.26 -26.36
CA PRO B 221 -1.56 -13.11 -27.01
C PRO B 221 -2.14 -12.73 -28.39
N LEU B 222 -2.59 -13.72 -29.16
CA LEU B 222 -3.17 -13.52 -30.50
C LEU B 222 -4.59 -13.01 -30.47
N ARG B 223 -5.35 -13.45 -29.47
CA ARG B 223 -6.71 -12.99 -29.22
C ARG B 223 -6.63 -11.51 -28.75
N ALA B 224 -5.55 -11.16 -28.01
CA ALA B 224 -5.28 -9.78 -27.55
C ALA B 224 -4.98 -8.85 -28.75
N LEU B 225 -4.16 -9.31 -29.71
CA LEU B 225 -3.84 -8.60 -30.97
C LEU B 225 -5.12 -8.28 -31.75
N TYR B 226 -6.03 -9.26 -31.85
CA TYR B 226 -7.30 -9.10 -32.54
C TYR B 226 -8.13 -8.03 -31.85
N LEU B 227 -8.20 -8.10 -30.49
CA LEU B 227 -8.97 -7.17 -29.67
C LEU B 227 -8.46 -5.71 -29.75
N ILE B 228 -7.11 -5.47 -29.79
CA ILE B 228 -6.49 -4.13 -29.93
C ILE B 228 -6.82 -3.54 -31.31
N ALA B 229 -6.71 -4.37 -32.34
CA ALA B 229 -7.01 -4.02 -33.73
C ALA B 229 -8.50 -3.68 -33.98
N THR B 230 -9.43 -4.34 -33.26
CA THR B 230 -10.87 -4.13 -33.45
C THR B 230 -11.47 -3.10 -32.48
N ASN B 231 -11.21 -3.23 -31.16
CA ASN B 231 -11.75 -2.32 -30.13
C ASN B 231 -11.12 -0.93 -30.11
N GLY B 232 -9.84 -0.85 -30.46
CA GLY B 232 -9.10 0.41 -30.41
C GLY B 232 -8.77 0.78 -28.97
N THR B 233 -9.22 1.98 -28.51
CA THR B 233 -9.00 2.46 -27.14
C THR B 233 -9.65 1.52 -26.10
N PRO B 234 -8.85 0.95 -25.18
CA PRO B 234 -9.42 0.03 -24.18
C PRO B 234 -10.26 0.74 -23.11
N GLU B 235 -11.31 0.07 -22.60
CA GLU B 235 -12.15 0.69 -21.59
C GLU B 235 -11.78 0.20 -20.21
N LEU B 236 -11.64 1.14 -19.26
CA LEU B 236 -11.27 0.81 -17.89
C LEU B 236 -12.42 0.09 -17.22
N GLN B 237 -12.09 -0.85 -16.31
CA GLN B 237 -13.08 -1.62 -15.54
C GLN B 237 -13.94 -0.67 -14.71
N ASN B 238 -13.32 0.30 -14.00
CA ASN B 238 -14.02 1.30 -13.19
C ASN B 238 -13.48 2.74 -13.49
N PRO B 239 -13.92 3.42 -14.59
CA PRO B 239 -13.37 4.75 -14.90
C PRO B 239 -13.69 5.86 -13.90
N GLU B 240 -14.82 5.74 -13.17
CA GLU B 240 -15.29 6.72 -12.17
C GLU B 240 -14.37 6.86 -10.92
N LYS B 241 -13.53 5.85 -10.62
CA LYS B 241 -12.54 5.83 -9.53
C LYS B 241 -11.43 6.89 -9.76
N LEU B 242 -11.12 7.15 -11.02
CA LEU B 242 -10.04 8.07 -11.39
C LEU B 242 -10.47 9.48 -11.36
N SER B 243 -9.52 10.38 -11.09
CA SER B 243 -9.82 11.80 -11.13
C SER B 243 -9.98 12.18 -12.60
N ALA B 244 -10.67 13.30 -12.86
CA ALA B 244 -10.89 13.81 -14.20
C ALA B 244 -9.57 14.11 -14.91
N ILE B 245 -8.56 14.61 -14.17
CA ILE B 245 -7.25 14.96 -14.74
C ILE B 245 -6.46 13.69 -15.15
N PHE B 246 -6.63 12.56 -14.43
CA PHE B 246 -5.98 11.30 -14.77
C PHE B 246 -6.68 10.71 -16.00
N ARG B 247 -8.02 10.76 -16.03
CA ARG B 247 -8.83 10.27 -17.15
C ARG B 247 -8.40 10.96 -18.45
N ASP B 248 -8.18 12.29 -18.38
CA ASP B 248 -7.74 13.12 -19.51
C ASP B 248 -6.35 12.73 -19.98
N PHE B 249 -5.41 12.54 -19.03
CA PHE B 249 -4.04 12.11 -19.34
C PHE B 249 -4.05 10.79 -20.14
N LEU B 250 -4.86 9.79 -19.70
CA LEU B 250 -5.01 8.49 -20.38
C LEU B 250 -5.60 8.63 -21.78
N ASN B 251 -6.60 9.52 -21.93
CA ASN B 251 -7.26 9.81 -23.21
C ASN B 251 -6.26 10.36 -24.22
N ARG B 252 -5.28 11.16 -23.77
CA ARG B 252 -4.26 11.76 -24.62
C ARG B 252 -3.22 10.76 -25.07
N CYS B 253 -2.93 9.77 -24.21
CA CYS B 253 -2.00 8.65 -24.40
C CYS B 253 -2.60 7.59 -25.33
N LEU B 254 -3.91 7.30 -25.12
CA LEU B 254 -4.61 6.22 -25.80
C LEU B 254 -5.55 6.67 -26.90
N GLU B 255 -5.23 7.82 -27.50
CA GLU B 255 -5.99 8.37 -28.62
C GLU B 255 -5.68 7.55 -29.89
N MET B 256 -6.74 7.06 -30.57
CA MET B 256 -6.62 6.25 -31.80
C MET B 256 -6.01 7.03 -32.96
N ASP B 257 -6.37 8.33 -33.10
CA ASP B 257 -5.81 9.20 -34.13
C ASP B 257 -4.41 9.62 -33.66
N VAL B 258 -3.37 9.12 -34.35
CA VAL B 258 -1.95 9.36 -34.03
C VAL B 258 -1.63 10.87 -33.95
N GLU B 259 -2.18 11.69 -34.87
CA GLU B 259 -1.98 13.14 -34.87
C GLU B 259 -2.56 13.78 -33.60
N LYS B 260 -3.69 13.24 -33.10
CA LYS B 260 -4.37 13.71 -31.90
C LYS B 260 -3.68 13.22 -30.62
N ARG B 261 -3.09 12.00 -30.65
CA ARG B 261 -2.34 11.41 -29.52
C ARG B 261 -1.14 12.31 -29.22
N GLY B 262 -0.87 12.53 -27.94
CA GLY B 262 0.22 13.41 -27.51
C GLY B 262 1.60 12.86 -27.73
N SER B 263 2.57 13.77 -27.94
CA SER B 263 3.98 13.40 -28.04
C SER B 263 4.50 13.40 -26.57
N ALA B 264 5.72 12.86 -26.32
CA ALA B 264 6.28 12.83 -24.97
C ALA B 264 6.50 14.23 -24.42
N LYS B 265 6.94 15.19 -25.29
CA LYS B 265 7.19 16.59 -24.99
C LYS B 265 5.90 17.31 -24.56
N GLU B 266 4.78 17.04 -25.26
CA GLU B 266 3.46 17.64 -24.97
C GLU B 266 2.92 17.11 -23.66
N LEU B 267 3.02 15.78 -23.44
CA LEU B 267 2.51 15.12 -22.25
C LEU B 267 3.32 15.44 -21.00
N LEU B 268 4.59 15.90 -21.14
CA LEU B 268 5.37 16.33 -19.98
C LEU B 268 4.83 17.64 -19.40
N GLN B 269 4.00 18.37 -20.19
CA GLN B 269 3.36 19.61 -19.79
C GLN B 269 1.93 19.38 -19.32
N HIS B 270 1.46 18.10 -19.31
CA HIS B 270 0.11 17.77 -18.86
C HIS B 270 -0.04 18.09 -17.37
N GLN B 271 -1.24 18.57 -16.98
CA GLN B 271 -1.59 18.95 -15.60
C GLN B 271 -1.48 17.79 -14.62
N PHE B 272 -1.76 16.54 -15.09
CA PHE B 272 -1.72 15.33 -14.28
C PHE B 272 -0.36 15.11 -13.60
N LEU B 273 0.74 15.39 -14.29
CA LEU B 273 2.09 15.20 -13.74
C LEU B 273 2.44 16.17 -12.62
N LYS B 274 1.66 17.26 -12.47
CA LYS B 274 1.89 18.27 -11.45
C LYS B 274 1.42 17.81 -10.07
N ILE B 275 0.66 16.70 -10.01
CA ILE B 275 0.20 16.10 -8.75
C ILE B 275 1.16 14.95 -8.34
N ALA B 276 2.30 14.78 -9.07
CA ALA B 276 3.32 13.77 -8.82
C ALA B 276 4.00 13.98 -7.50
N LYS B 277 4.12 12.91 -6.72
CA LYS B 277 4.76 12.92 -5.43
C LYS B 277 6.28 12.76 -5.65
N PRO B 278 7.17 13.10 -4.69
CA PRO B 278 8.61 12.85 -4.92
C PRO B 278 8.87 11.36 -5.11
N LEU B 279 10.01 10.99 -5.69
CA LEU B 279 10.35 9.59 -5.99
C LEU B 279 10.56 8.75 -4.71
N SER B 280 10.71 9.39 -3.55
CA SER B 280 10.83 8.71 -2.26
C SER B 280 9.51 7.99 -1.92
N SER B 281 8.35 8.52 -2.41
CA SER B 281 7.01 7.95 -2.21
C SER B 281 6.88 6.55 -2.84
N LEU B 282 7.82 6.17 -3.71
CA LEU B 282 7.80 4.87 -4.35
C LEU B 282 8.49 3.78 -3.53
N THR B 283 9.38 4.15 -2.59
CA THR B 283 10.13 3.18 -1.76
C THR B 283 9.20 2.35 -0.84
N PRO B 284 8.08 2.86 -0.21
CA PRO B 284 7.18 1.95 0.52
C PRO B 284 6.57 0.91 -0.42
N LEU B 285 6.33 1.28 -1.72
CA LEU B 285 5.81 0.37 -2.75
C LEU B 285 6.79 -0.76 -3.07
N ILE B 286 8.10 -0.45 -3.12
CA ILE B 286 9.18 -1.41 -3.36
C ILE B 286 9.24 -2.40 -2.18
N ALA B 287 9.15 -1.87 -0.93
CA ALA B 287 9.13 -2.64 0.32
C ALA B 287 8.00 -3.66 0.35
N ALA B 288 6.78 -3.22 -0.05
CA ALA B 288 5.58 -4.06 -0.11
C ALA B 288 5.71 -5.18 -1.17
N ALA B 289 6.25 -4.87 -2.37
CA ALA B 289 6.41 -5.88 -3.44
C ALA B 289 7.44 -6.94 -3.02
N LYS B 290 8.55 -6.50 -2.38
CA LYS B 290 9.60 -7.40 -1.85
C LYS B 290 9.03 -8.32 -0.76
N GLU B 291 8.14 -7.78 0.10
CA GLU B 291 7.48 -8.55 1.16
C GLU B 291 6.47 -9.57 0.57
N ALA B 292 5.72 -9.15 -0.46
CA ALA B 292 4.75 -10.02 -1.12
C ALA B 292 5.38 -11.16 -1.93
N THR B 293 6.57 -10.90 -2.56
CA THR B 293 7.25 -11.87 -3.44
C THR B 293 8.39 -12.64 -2.72
N LYS B 294 8.06 -13.23 -1.56
CA LYS B 294 8.98 -14.07 -0.77
C LYS B 294 8.83 -15.58 -1.10
N ASN B 295 8.55 -15.88 -2.39
CA ASN B 295 8.37 -17.23 -2.97
C ASN B 295 8.38 -17.15 -4.49
#